data_4U4E
#
_entry.id   4U4E
#
_cell.length_a   75.540
_cell.length_b   75.540
_cell.length_c   123.494
_cell.angle_alpha   90.00
_cell.angle_beta   90.00
_cell.angle_gamma   120.00
#
_symmetry.space_group_name_H-M   'P 32 2 1'
#
loop_
_entity.id
_entity.type
_entity.pdbx_description
1 polymer Thiolase
2 water water
#
_entity_poly.entity_id   1
_entity_poly.type   'polypeptide(L)'
_entity_poly.pdbx_seq_one_letter_code
;(MSE)TTLSGKTAIVGVAESDQIGKVPDKPAIALHAEAALNALEEAGLTLRDVDGLLTAGISPLELGEYLGIEPSYTDGT
AVGGSSFVIHLAHAAAAIVTGRCSVALITHGESGRSRVG(MSE)PPRVPAPDSLRGQFEDPYGLPTPVGAYALACSRH
(MSE)AEYGTTKEQLAEIAVATRKWA(MSE)LNPKAY(MSE)RDPITIEDVLNSRPIVWPFNLLDCCLVTDAGGACVVTS
IERARDLRQHPVAILGVGESHDHSIISQ(MSE)PSLTSFAARRSGQAAFK(MSE)AGVTHDDIDLA(MSE)IYDSFTYTV
LLSLEDLGFCAKGEGGAFVSGQRTAPGGDFP(MSE)NTNGGGLSYTHPG(MSE)YG(MSE)FAIIEAVRQLRHDYADQGI
RQVPNCELAIVHGTGGVLSSAGTAILGRV
;
_entity_poly.pdbx_strand_id   A
#
# COMPACT_ATOMS: atom_id res chain seq x y z
N THR A 3 -20.74 6.14 -8.37
CA THR A 3 -20.95 5.81 -9.81
C THR A 3 -19.66 5.93 -10.64
N LEU A 4 -18.51 6.16 -10.00
CA LEU A 4 -17.22 5.83 -10.61
C LEU A 4 -16.88 4.35 -10.40
N SER A 5 -17.60 3.69 -9.49
CA SER A 5 -17.37 2.30 -9.11
C SER A 5 -17.46 1.34 -10.29
N GLY A 6 -16.39 0.60 -10.55
CA GLY A 6 -16.38 -0.43 -11.60
C GLY A 6 -16.07 0.03 -13.01
N LYS A 7 -16.09 1.34 -13.27
CA LYS A 7 -15.90 1.83 -14.64
C LYS A 7 -14.45 1.86 -15.13
N THR A 8 -13.49 1.61 -14.23
CA THR A 8 -12.08 1.61 -14.59
C THR A 8 -11.38 0.44 -13.92
N ALA A 9 -10.23 0.06 -14.46
CA ALA A 9 -9.50 -1.08 -13.92
C ALA A 9 -8.00 -0.98 -14.11
N ILE A 10 -7.32 -1.70 -13.22
CA ILE A 10 -5.89 -1.83 -13.26
C ILE A 10 -5.56 -2.96 -14.22
N VAL A 11 -4.68 -2.67 -15.16
CA VAL A 11 -4.33 -3.61 -16.25
C VAL A 11 -2.85 -4.03 -16.22
N GLY A 12 -2.02 -3.31 -15.47
CA GLY A 12 -0.61 -3.63 -15.37
C GLY A 12 -0.03 -3.12 -14.07
N VAL A 13 0.83 -3.92 -13.44
CA VAL A 13 1.51 -3.54 -12.21
C VAL A 13 2.94 -4.03 -12.26
N ALA A 14 3.87 -3.25 -11.72
CA ALA A 14 5.28 -3.64 -11.72
C ALA A 14 6.12 -2.86 -10.70
N GLU A 15 7.18 -3.49 -10.21
CA GLU A 15 8.21 -2.77 -9.47
C GLU A 15 9.32 -2.38 -10.42
N SER A 16 10.26 -1.60 -9.91
N SER A 16 10.26 -1.58 -9.92
CA SER A 16 11.47 -1.27 -10.63
CA SER A 16 11.47 -1.26 -10.64
C SER A 16 12.26 -2.56 -10.88
C SER A 16 12.26 -2.56 -10.87
N ASP A 17 13.26 -2.49 -11.75
CA ASP A 17 14.06 -3.67 -12.10
C ASP A 17 14.70 -4.31 -10.87
N GLN A 18 15.17 -3.47 -9.95
CA GLN A 18 15.69 -3.92 -8.68
C GLN A 18 15.07 -3.07 -7.57
N ILE A 19 14.98 -3.65 -6.38
CA ILE A 19 14.54 -2.97 -5.17
C ILE A 19 15.42 -3.39 -4.01
N GLY A 20 15.41 -2.60 -2.95
CA GLY A 20 16.15 -2.93 -1.75
C GLY A 20 17.32 -1.98 -1.63
N LYS A 21 18.51 -2.48 -1.94
CA LYS A 21 19.70 -1.65 -1.97
C LYS A 21 20.04 -1.50 -3.44
N VAL A 22 19.85 -0.30 -3.98
CA VAL A 22 20.08 -0.07 -5.41
C VAL A 22 20.96 1.16 -5.52
N PRO A 23 22.28 0.98 -5.38
CA PRO A 23 23.16 2.15 -5.44
C PRO A 23 23.11 2.79 -6.81
N ASP A 24 23.44 4.07 -6.86
CA ASP A 24 23.60 4.80 -8.13
C ASP A 24 22.37 4.96 -9.02
N LYS A 25 21.21 4.43 -8.63
CA LYS A 25 19.96 4.66 -9.39
C LYS A 25 19.08 5.71 -8.71
N PRO A 26 18.92 6.88 -9.36
CA PRO A 26 18.09 7.92 -8.75
C PRO A 26 16.60 7.59 -8.79
N ALA A 27 15.83 8.38 -8.04
CA ALA A 27 14.37 8.18 -7.97
C ALA A 27 13.74 8.14 -9.36
N ILE A 28 14.12 9.06 -10.25
CA ILE A 28 13.49 9.16 -11.57
C ILE A 28 13.67 7.88 -12.38
N ALA A 29 14.84 7.26 -12.26
CA ALA A 29 15.14 6.02 -12.95
C ALA A 29 14.33 4.86 -12.38
N LEU A 30 14.14 4.85 -11.06
CA LEU A 30 13.32 3.83 -10.40
C LEU A 30 11.86 3.88 -10.84
N HIS A 31 11.35 5.11 -10.98
CA HIS A 31 10.00 5.33 -11.49
C HIS A 31 9.87 4.84 -12.93
N ALA A 32 10.83 5.24 -13.77
CA ALA A 32 10.82 4.92 -15.20
C ALA A 32 10.79 3.43 -15.48
N GLU A 33 11.68 2.69 -14.80
CA GLU A 33 11.73 1.24 -14.92
C GLU A 33 10.39 0.64 -14.56
N ALA A 34 9.85 1.01 -13.41
CA ALA A 34 8.57 0.44 -12.97
C ALA A 34 7.47 0.68 -14.02
N ALA A 35 7.46 1.89 -14.57
CA ALA A 35 6.48 2.28 -15.58
C ALA A 35 6.57 1.38 -16.80
N LEU A 36 7.77 1.31 -17.38
CA LEU A 36 8.02 0.46 -18.55
C LEU A 36 7.58 -0.98 -18.28
N ASN A 37 7.99 -1.50 -17.13
CA ASN A 37 7.62 -2.85 -16.76
C ASN A 37 6.11 -3.04 -16.63
N ALA A 38 5.40 -2.07 -16.08
CA ALA A 38 3.93 -2.22 -15.91
C ALA A 38 3.20 -2.17 -17.24
N LEU A 39 3.69 -1.32 -18.13
CA LEU A 39 3.12 -1.19 -19.47
C LEU A 39 3.26 -2.47 -20.28
N GLU A 40 4.48 -3.01 -20.33
CA GLU A 40 4.75 -4.23 -21.07
C GLU A 40 3.88 -5.39 -20.55
N GLU A 41 3.73 -5.49 -19.23
CA GLU A 41 2.89 -6.55 -18.66
C GLU A 41 1.45 -6.48 -19.18
N ALA A 42 0.97 -5.26 -19.38
CA ALA A 42 -0.39 -5.07 -19.88
C ALA A 42 -0.47 -5.24 -21.39
N GLY A 43 0.67 -5.14 -22.07
CA GLY A 43 0.74 -5.22 -23.52
C GLY A 43 0.58 -3.86 -24.14
N LEU A 44 0.93 -2.82 -23.37
CA LEU A 44 0.91 -1.46 -23.87
C LEU A 44 2.33 -0.95 -23.92
N THR A 45 2.48 0.28 -24.40
CA THR A 45 3.77 0.97 -24.42
C THR A 45 3.58 2.40 -23.96
N LEU A 46 4.70 3.12 -23.83
CA LEU A 46 4.70 4.54 -23.51
C LEU A 46 3.84 5.39 -24.46
N ARG A 47 3.69 4.93 -25.70
CA ARG A 47 2.95 5.67 -26.70
C ARG A 47 1.45 5.67 -26.41
N ASP A 48 0.96 4.67 -25.69
CA ASP A 48 -0.45 4.61 -25.33
C ASP A 48 -0.83 5.51 -24.17
N VAL A 49 0.16 6.06 -23.46
CA VAL A 49 -0.08 6.76 -22.20
C VAL A 49 -0.41 8.24 -22.43
N ASP A 50 -1.52 8.67 -21.86
CA ASP A 50 -1.90 10.09 -21.89
C ASP A 50 -2.17 10.70 -20.51
N GLY A 51 -2.04 9.90 -19.45
CA GLY A 51 -2.22 10.37 -18.07
C GLY A 51 -1.07 9.94 -17.16
N LEU A 52 -0.50 10.88 -16.43
CA LEU A 52 0.67 10.64 -15.59
C LEU A 52 0.48 11.17 -14.17
N LEU A 53 0.47 10.27 -13.19
CA LEU A 53 0.26 10.61 -11.78
C LEU A 53 1.46 10.11 -10.96
N THR A 54 2.08 10.97 -10.16
CA THR A 54 3.36 10.64 -9.48
C THR A 54 3.45 11.00 -8.00
N ALA A 55 4.25 10.23 -7.26
CA ALA A 55 4.63 10.55 -5.88
C ALA A 55 6.09 10.21 -5.70
N GLY A 56 6.90 11.19 -5.32
CA GLY A 56 8.34 11.01 -5.14
C GLY A 56 9.14 11.68 -6.26
N ILE A 57 8.43 12.19 -7.26
CA ILE A 57 9.03 12.86 -8.41
C ILE A 57 7.95 13.67 -9.12
N SER A 58 8.34 14.78 -9.72
CA SER A 58 7.40 15.65 -10.47
C SER A 58 6.90 14.96 -11.75
N PRO A 59 5.59 15.10 -12.05
CA PRO A 59 5.08 14.55 -13.32
C PRO A 59 5.70 15.21 -14.53
N LEU A 60 5.95 16.51 -14.45
CA LEU A 60 6.66 17.23 -15.50
C LEU A 60 8.02 16.56 -15.75
N GLU A 61 8.81 16.43 -14.69
CA GLU A 61 10.15 15.89 -14.81
C GLU A 61 10.16 14.45 -15.35
N LEU A 62 9.23 13.62 -14.85
CA LEU A 62 9.18 12.22 -15.27
C LEU A 62 8.64 12.04 -16.67
N GLY A 63 7.65 12.84 -17.05
CA GLY A 63 7.11 12.79 -18.40
C GLY A 63 8.17 13.11 -19.42
N GLU A 64 8.96 14.14 -19.14
CA GLU A 64 10.09 14.51 -19.99
C GLU A 64 11.11 13.36 -20.10
N TYR A 65 11.40 12.73 -18.97
CA TYR A 65 12.38 11.66 -18.91
C TYR A 65 11.93 10.42 -19.65
N LEU A 66 10.63 10.10 -19.57
CA LEU A 66 10.08 9.00 -20.35
C LEU A 66 9.87 9.42 -21.80
N GLY A 67 9.85 10.72 -22.06
CA GLY A 67 9.62 11.26 -23.39
C GLY A 67 8.16 11.20 -23.82
N ILE A 68 7.24 11.50 -22.91
CA ILE A 68 5.83 11.57 -23.25
C ILE A 68 5.29 12.96 -22.92
N GLU A 69 4.12 13.28 -23.46
CA GLU A 69 3.48 14.58 -23.27
C GLU A 69 2.00 14.36 -23.00
N PRO A 70 1.68 13.91 -21.77
CA PRO A 70 0.32 13.48 -21.47
C PRO A 70 -0.62 14.67 -21.32
N SER A 71 -1.90 14.45 -21.65
CA SER A 71 -2.90 15.50 -21.51
C SER A 71 -3.26 15.77 -20.05
N TYR A 72 -3.07 14.78 -19.17
CA TYR A 72 -3.42 14.92 -17.76
C TYR A 72 -2.25 14.57 -16.84
N THR A 73 -1.99 15.42 -15.86
CA THR A 73 -0.98 15.13 -14.86
C THR A 73 -1.54 15.36 -13.48
N ASP A 74 -0.90 14.77 -12.48
CA ASP A 74 -1.26 14.96 -11.08
C ASP A 74 -0.03 14.64 -10.24
N GLY A 75 0.35 15.56 -9.36
CA GLY A 75 1.54 15.40 -8.53
C GLY A 75 1.20 15.28 -7.07
N THR A 76 2.20 14.99 -6.26
CA THR A 76 2.02 14.90 -4.82
C THR A 76 2.82 16.01 -4.15
N ALA A 77 2.22 16.64 -3.13
CA ALA A 77 2.89 17.69 -2.36
C ALA A 77 3.98 17.07 -1.47
N VAL A 78 5.17 17.66 -1.49
CA VAL A 78 6.34 17.08 -0.80
C VAL A 78 6.43 17.63 0.63
N GLY A 80 5.01 15.02 1.82
CA GLY A 80 3.65 14.51 2.00
C GLY A 80 3.48 13.10 1.49
N SER A 81 2.35 12.48 1.82
CA SER A 81 2.08 11.07 1.48
C SER A 81 1.07 10.87 0.35
N SER A 82 1.09 9.66 -0.23
CA SER A 82 0.12 9.25 -1.23
C SER A 82 -0.07 7.74 -1.23
N PHE A 83 -1.24 7.29 -0.77
CA PHE A 83 -1.54 5.85 -0.78
C PHE A 83 -2.39 5.48 -2.00
N VAL A 84 -3.69 5.76 -1.96
CA VAL A 84 -4.59 5.35 -3.05
C VAL A 84 -5.31 6.52 -3.75
N ILE A 85 -5.05 7.75 -3.33
CA ILE A 85 -5.66 8.93 -3.94
C ILE A 85 -5.49 8.99 -5.47
N HIS A 86 -4.36 8.52 -5.96
CA HIS A 86 -4.12 8.50 -7.40
C HIS A 86 -5.01 7.54 -8.18
N LEU A 87 -5.55 6.52 -7.52
CA LEU A 87 -6.50 5.63 -8.18
C LEU A 87 -7.79 6.38 -8.41
N ALA A 88 -8.24 7.11 -7.39
CA ALA A 88 -9.43 7.93 -7.49
C ALA A 88 -9.30 8.99 -8.58
N HIS A 89 -8.15 9.66 -8.58
CA HIS A 89 -7.93 10.74 -9.52
C HIS A 89 -7.86 10.19 -10.94
N ALA A 90 -7.25 9.01 -11.09
CA ALA A 90 -7.11 8.38 -12.40
C ALA A 90 -8.46 7.91 -12.93
N ALA A 91 -9.21 7.18 -12.10
CA ALA A 91 -10.55 6.76 -12.48
C ALA A 91 -11.42 7.94 -12.95
N ALA A 92 -11.39 9.04 -12.20
CA ALA A 92 -12.13 10.26 -12.52
C ALA A 92 -11.67 10.89 -13.82
N ALA A 93 -10.37 10.92 -14.03
CA ALA A 93 -9.79 11.47 -15.23
C ALA A 93 -10.16 10.65 -16.46
N ILE A 94 -10.32 9.33 -16.28
CA ILE A 94 -10.68 8.45 -17.39
C ILE A 94 -12.15 8.61 -17.74
N VAL A 95 -13.02 8.47 -16.74
CA VAL A 95 -14.46 8.63 -16.92
C VAL A 95 -14.81 9.98 -17.55
N THR A 96 -14.20 11.06 -17.07
CA THR A 96 -14.47 12.37 -17.64
C THR A 96 -13.73 12.57 -18.95
N GLY A 97 -12.84 11.63 -19.30
CA GLY A 97 -12.13 11.68 -20.56
C GLY A 97 -10.98 12.67 -20.65
N ARG A 98 -10.45 13.12 -19.52
CA ARG A 98 -9.21 13.92 -19.53
C ARG A 98 -8.02 13.04 -19.93
N CYS A 99 -8.15 11.73 -19.74
CA CYS A 99 -7.21 10.76 -20.33
C CYS A 99 -7.90 9.41 -20.53
N SER A 100 -7.15 8.42 -20.99
CA SER A 100 -7.68 7.07 -21.24
C SER A 100 -6.75 5.97 -20.70
N VAL A 101 -5.45 6.19 -20.78
CA VAL A 101 -4.44 5.29 -20.24
C VAL A 101 -3.66 6.06 -19.17
N ALA A 102 -3.94 5.76 -17.91
CA ALA A 102 -3.29 6.48 -16.81
C ALA A 102 -2.15 5.66 -16.24
N LEU A 103 -0.97 6.26 -16.22
CA LEU A 103 0.20 5.67 -15.62
C LEU A 103 0.42 6.34 -14.26
N ILE A 104 0.49 5.52 -13.21
CA ILE A 104 0.78 6.01 -11.86
C ILE A 104 2.10 5.43 -11.33
N THR A 105 2.99 6.30 -10.84
CA THR A 105 4.29 5.86 -10.33
C THR A 105 4.64 6.43 -8.94
N HIS A 106 5.16 5.58 -8.08
CA HIS A 106 5.54 5.93 -6.73
C HIS A 106 6.98 5.47 -6.50
N GLY A 107 7.67 6.12 -5.56
CA GLY A 107 8.91 5.57 -5.05
C GLY A 107 10.02 6.59 -4.93
N GLU A 108 11.11 6.15 -4.32
CA GLU A 108 12.32 6.95 -4.20
C GLU A 108 13.53 6.08 -3.84
N SER A 109 14.71 6.71 -3.87
CA SER A 109 15.94 6.13 -3.38
C SER A 109 16.02 6.37 -1.88
N GLY A 110 15.23 5.60 -1.13
CA GLY A 110 15.06 5.85 0.30
C GLY A 110 16.31 5.52 1.07
N ARG A 111 16.90 4.38 0.75
CA ARG A 111 18.11 3.89 1.39
C ARG A 111 19.37 4.62 0.92
N SER A 112 19.63 4.58 -0.39
CA SER A 112 20.86 5.12 -0.95
C SER A 112 20.82 6.62 -1.14
N ARG A 113 19.63 7.19 -1.22
CA ARG A 113 19.46 8.64 -1.36
C ARG A 113 20.27 9.18 -2.54
N VAL A 114 20.21 8.46 -3.66
CA VAL A 114 20.98 8.87 -4.85
C VAL A 114 20.49 10.22 -5.37
N GLY A 115 21.43 11.13 -5.62
CA GLY A 115 21.10 12.46 -6.13
C GLY A 115 20.29 13.33 -5.17
N MSE A 116 20.48 13.10 -3.87
CA MSE A 116 19.85 13.94 -2.84
C MSE A 116 20.93 14.75 -2.12
O MSE A 116 22.07 14.28 -2.00
CB MSE A 116 19.11 13.07 -1.82
CG MSE A 116 18.04 12.15 -2.43
SE MSE A 116 16.62 13.06 -3.06
CE MSE A 116 15.67 13.27 -1.54
N PRO A 117 20.59 15.96 -1.65
CA PRO A 117 21.58 16.84 -1.02
C PRO A 117 21.99 16.38 0.39
N PRO A 118 23.30 16.32 0.68
CA PRO A 118 23.79 15.88 1.99
C PRO A 118 23.10 16.56 3.17
N PRO A 139 7.36 11.00 11.97
CA PRO A 139 7.80 11.40 13.32
C PRO A 139 7.49 10.33 14.36
N VAL A 140 8.52 9.58 14.75
CA VAL A 140 8.36 8.32 15.45
C VAL A 140 7.80 8.50 16.87
N GLY A 141 8.14 9.61 17.51
CA GLY A 141 7.71 9.86 18.87
C GLY A 141 6.21 9.90 19.01
N ALA A 142 5.55 10.49 18.00
CA ALA A 142 4.11 10.63 18.02
C ALA A 142 3.41 9.29 17.89
N TYR A 143 3.94 8.41 17.03
CA TYR A 143 3.37 7.05 16.87
C TYR A 143 3.64 6.21 18.12
N ALA A 144 4.80 6.43 18.74
CA ALA A 144 5.18 5.67 19.93
C ALA A 144 4.25 6.02 21.07
N LEU A 145 3.91 7.29 21.15
CA LEU A 145 3.06 7.80 22.19
C LEU A 145 1.63 7.31 22.01
N ALA A 146 1.15 7.35 20.77
CA ALA A 146 -0.15 6.78 20.44
C ALA A 146 -0.21 5.29 20.79
N CYS A 147 0.84 4.56 20.46
CA CYS A 147 0.85 3.13 20.76
C CYS A 147 0.79 2.92 22.26
N SER A 148 1.63 3.65 23.00
CA SER A 148 1.69 3.49 24.45
C SER A 148 0.35 3.83 25.10
N ARG A 149 -0.35 4.83 24.56
CA ARG A 149 -1.67 5.14 25.07
C ARG A 149 -2.68 4.01 24.81
N HIS A 150 -2.62 3.42 23.61
CA HIS A 150 -3.46 2.28 23.30
C HIS A 150 -3.16 1.13 24.28
N MSE A 151 -1.88 0.88 24.55
CA MSE A 151 -1.49 -0.16 25.48
C MSE A 151 -2.11 0.08 26.89
O MSE A 151 -2.69 -0.84 27.48
CB MSE A 151 0.04 -0.28 25.56
CG MSE A 151 0.68 -0.82 24.29
SE MSE A 151 2.49 -0.71 24.23
CE MSE A 151 2.96 -2.05 25.32
N ALA A 152 -2.01 1.31 27.38
CA ALA A 152 -2.50 1.64 28.72
C ALA A 152 -4.03 1.65 28.77
N GLU A 153 -4.67 2.17 27.73
CA GLU A 153 -6.13 2.31 27.71
C GLU A 153 -6.83 0.97 27.52
N TYR A 154 -6.34 0.15 26.61
CA TYR A 154 -7.02 -1.10 26.24
C TYR A 154 -6.33 -2.39 26.67
N GLY A 155 -5.11 -2.33 27.19
CA GLY A 155 -4.37 -3.54 27.57
C GLY A 155 -3.67 -4.27 26.44
N THR A 156 -3.59 -3.63 25.28
CA THR A 156 -2.80 -4.16 24.17
C THR A 156 -1.37 -4.46 24.67
N THR A 157 -0.85 -5.62 24.30
CA THR A 157 0.47 -6.06 24.75
C THR A 157 1.51 -6.06 23.62
N LYS A 158 2.78 -5.98 24.00
CA LYS A 158 3.89 -6.10 23.04
C LYS A 158 3.79 -7.41 22.26
N GLU A 159 3.40 -8.46 22.97
CA GLU A 159 3.22 -9.80 22.38
C GLU A 159 2.18 -9.81 21.24
N GLN A 160 1.09 -9.07 21.44
CA GLN A 160 0.03 -8.96 20.42
C GLN A 160 0.48 -8.16 19.19
N LEU A 161 1.25 -7.10 19.40
CA LEU A 161 1.80 -6.32 18.30
C LEU A 161 2.86 -7.09 17.55
N ALA A 162 3.56 -7.96 18.25
CA ALA A 162 4.61 -8.74 17.61
C ALA A 162 4.03 -9.74 16.62
N GLU A 163 2.84 -10.25 16.91
CA GLU A 163 2.16 -11.17 15.98
C GLU A 163 2.17 -10.63 14.56
N ILE A 164 1.97 -9.32 14.42
CA ILE A 164 1.89 -8.71 13.11
C ILE A 164 3.21 -8.81 12.37
N ALA A 165 4.29 -8.56 13.08
CA ALA A 165 5.62 -8.66 12.51
C ALA A 165 5.90 -10.11 12.09
N VAL A 166 5.53 -11.04 12.96
CA VAL A 166 5.77 -12.45 12.72
C VAL A 166 4.96 -12.97 11.55
N ALA A 167 3.67 -12.68 11.52
CA ALA A 167 2.83 -13.11 10.42
C ALA A 167 3.29 -12.48 9.10
N THR A 168 3.60 -11.19 9.13
CA THR A 168 4.05 -10.50 7.93
C THR A 168 5.39 -11.03 7.43
N ARG A 169 6.29 -11.38 8.34
CA ARG A 169 7.55 -12.02 7.94
C ARG A 169 7.32 -13.36 7.23
N LYS A 170 6.34 -14.13 7.70
CA LYS A 170 6.01 -15.41 7.05
C LYS A 170 5.62 -15.21 5.59
N TRP A 171 4.90 -14.13 5.30
CA TRP A 171 4.61 -13.78 3.92
C TRP A 171 5.87 -13.38 3.16
N ALA A 172 6.79 -12.67 3.80
CA ALA A 172 8.03 -12.22 3.18
C ALA A 172 8.90 -13.40 2.73
N MSE A 173 8.88 -14.46 3.52
CA MSE A 173 9.63 -15.69 3.22
C MSE A 173 9.16 -16.32 1.91
O MSE A 173 9.95 -16.86 1.16
CB MSE A 173 9.51 -16.71 4.38
CG MSE A 173 10.09 -16.20 5.71
SE MSE A 173 9.90 -17.20 7.20
CE MSE A 173 8.47 -18.24 6.88
N LEU A 174 7.88 -16.19 1.60
CA LEU A 174 7.35 -16.70 0.34
C LEU A 174 7.63 -15.80 -0.86
N ASN A 175 8.30 -14.66 -0.67
CA ASN A 175 8.48 -13.70 -1.74
C ASN A 175 9.95 -13.44 -1.99
N PRO A 176 10.46 -13.91 -3.14
CA PRO A 176 11.86 -13.78 -3.55
C PRO A 176 12.41 -12.36 -3.50
N LYS A 177 11.54 -11.38 -3.74
CA LYS A 177 11.97 -9.99 -3.78
C LYS A 177 12.00 -9.31 -2.40
N ALA A 178 11.41 -9.95 -1.39
CA ALA A 178 11.40 -9.39 -0.03
C ALA A 178 12.82 -9.20 0.50
N TYR A 179 13.04 -8.06 1.15
CA TYR A 179 14.33 -7.72 1.76
C TYR A 179 14.68 -8.56 2.98
N MSE A 180 13.69 -8.88 3.82
CA MSE A 180 13.92 -9.72 5.00
C MSE A 180 13.17 -11.03 4.83
O MSE A 180 11.94 -11.03 4.69
CB MSE A 180 13.45 -9.02 6.27
CG MSE A 180 14.22 -7.77 6.66
SE MSE A 180 15.99 -8.04 6.82
CE MSE A 180 16.52 -6.47 7.46
N ARG A 181 13.91 -12.13 4.85
CA ARG A 181 13.33 -13.46 4.69
C ARG A 181 13.70 -14.47 5.78
N ASP A 182 14.42 -14.05 6.82
CA ASP A 182 14.68 -14.93 7.97
C ASP A 182 13.43 -15.05 8.83
N PRO A 183 13.02 -16.29 9.13
CA PRO A 183 11.87 -16.43 10.02
C PRO A 183 12.15 -15.84 11.40
N ILE A 184 11.11 -15.33 12.05
CA ILE A 184 11.22 -14.79 13.39
C ILE A 184 10.08 -15.29 14.28
N THR A 185 10.28 -15.19 15.59
CA THR A 185 9.27 -15.53 16.59
C THR A 185 8.85 -14.31 17.39
N ILE A 186 7.80 -14.46 18.19
CA ILE A 186 7.33 -13.38 19.07
C ILE A 186 8.47 -12.90 19.96
N GLU A 187 9.22 -13.85 20.52
CA GLU A 187 10.35 -13.55 21.39
C GLU A 187 11.42 -12.73 20.64
N ASP A 188 11.72 -13.12 19.40
CA ASP A 188 12.70 -12.37 18.60
C ASP A 188 12.30 -10.91 18.53
N VAL A 189 11.00 -10.66 18.35
CA VAL A 189 10.50 -9.29 18.23
C VAL A 189 10.68 -8.53 19.54
N LEU A 190 10.32 -9.17 20.65
CA LEU A 190 10.43 -8.52 21.96
C LEU A 190 11.88 -8.23 22.30
N ASN A 191 12.77 -9.10 21.87
CA ASN A 191 14.19 -8.91 22.13
C ASN A 191 14.92 -8.09 21.08
N SER A 192 14.26 -7.72 19.98
CA SER A 192 14.91 -6.92 18.94
C SER A 192 15.31 -5.54 19.47
N ARG A 193 16.18 -4.86 18.74
CA ARG A 193 16.78 -3.62 19.22
C ARG A 193 15.78 -2.48 19.46
N PRO A 194 15.78 -1.92 20.68
CA PRO A 194 14.82 -0.85 20.93
C PRO A 194 15.14 0.41 20.15
N ILE A 195 14.12 1.02 19.57
CA ILE A 195 14.28 2.21 18.72
C ILE A 195 13.78 3.43 19.48
N VAL A 196 12.46 3.49 19.67
CA VAL A 196 11.82 4.43 20.56
C VAL A 196 10.69 3.68 21.25
N TRP A 197 10.77 3.58 22.57
CA TRP A 197 9.84 2.77 23.33
C TRP A 197 8.41 3.22 23.08
N PRO A 198 7.48 2.27 22.86
CA PRO A 198 7.59 0.83 22.93
C PRO A 198 8.00 0.11 21.64
N PHE A 199 8.48 0.82 20.64
CA PHE A 199 8.93 0.17 19.40
C PHE A 199 10.36 -0.36 19.45
N ASN A 200 10.51 -1.65 19.15
CA ASN A 200 11.80 -2.25 18.79
C ASN A 200 11.96 -2.37 17.26
N LEU A 201 13.17 -2.68 16.80
CA LEU A 201 13.49 -2.65 15.38
C LEU A 201 12.49 -3.41 14.53
N LEU A 202 12.11 -4.61 14.97
CA LEU A 202 11.15 -5.41 14.22
C LEU A 202 9.70 -4.93 14.33
N ASP A 203 9.45 -3.85 15.06
CA ASP A 203 8.14 -3.16 15.02
C ASP A 203 8.07 -2.08 13.93
N CYS A 204 9.22 -1.73 13.33
CA CYS A 204 9.32 -0.58 12.45
C CYS A 204 9.56 -0.98 11.00
N CYS A 205 9.07 -0.16 10.07
CA CYS A 205 9.23 -0.47 8.65
C CYS A 205 10.67 -0.34 8.23
N LEU A 206 10.97 -0.90 7.07
CA LEU A 206 12.29 -0.82 6.48
C LEU A 206 12.51 0.53 5.82
N VAL A 207 13.72 0.76 5.35
CA VAL A 207 14.08 1.88 4.51
C VAL A 207 14.77 1.30 3.27
N THR A 208 14.07 1.27 2.13
CA THR A 208 14.62 0.70 0.89
C THR A 208 14.64 1.69 -0.29
N ASP A 209 15.33 1.30 -1.36
CA ASP A 209 15.23 1.95 -2.67
C ASP A 209 14.21 1.14 -3.47
N ALA A 210 13.20 1.79 -4.02
CA ALA A 210 12.19 1.10 -4.80
C ALA A 210 11.32 2.08 -5.59
N GLY A 211 10.96 1.66 -6.80
CA GLY A 211 9.91 2.29 -7.58
C GLY A 211 8.77 1.29 -7.80
N GLY A 212 7.56 1.80 -7.94
CA GLY A 212 6.41 0.98 -8.25
C GLY A 212 5.49 1.71 -9.20
N ALA A 213 4.70 0.96 -9.96
CA ALA A 213 3.83 1.58 -10.95
C ALA A 213 2.64 0.70 -11.30
N CYS A 214 1.55 1.35 -11.71
CA CYS A 214 0.42 0.64 -12.31
C CYS A 214 -0.24 1.45 -13.41
N VAL A 215 -1.02 0.76 -14.23
CA VAL A 215 -1.67 1.36 -15.37
C VAL A 215 -3.17 1.15 -15.24
N VAL A 216 -3.91 2.23 -15.48
CA VAL A 216 -5.36 2.20 -15.37
C VAL A 216 -5.98 2.58 -16.72
N THR A 217 -7.01 1.84 -17.11
CA THR A 217 -7.86 2.20 -18.25
C THR A 217 -9.33 1.99 -17.89
N SER A 218 -10.18 2.40 -18.83
CA SER A 218 -11.61 2.05 -18.80
C SER A 218 -11.74 0.54 -18.71
N ILE A 219 -12.81 0.08 -18.09
CA ILE A 219 -13.08 -1.36 -18.01
C ILE A 219 -13.27 -2.00 -19.38
N GLU A 220 -13.85 -1.25 -20.32
CA GLU A 220 -14.03 -1.73 -21.69
C GLU A 220 -12.67 -2.04 -22.33
N ARG A 221 -11.80 -1.03 -22.38
CA ARG A 221 -10.47 -1.22 -22.95
C ARG A 221 -9.65 -2.26 -22.20
N ALA A 222 -9.92 -2.43 -20.91
CA ALA A 222 -9.19 -3.42 -20.10
C ALA A 222 -9.53 -4.85 -20.50
N ARG A 223 -10.76 -5.07 -20.97
CA ARG A 223 -11.16 -6.42 -21.40
C ARG A 223 -10.39 -6.88 -22.63
N ASP A 224 -9.86 -5.93 -23.42
CA ASP A 224 -9.09 -6.26 -24.63
C ASP A 224 -7.57 -6.34 -24.42
N LEU A 225 -7.10 -6.36 -23.17
CA LEU A 225 -5.66 -6.39 -22.88
C LEU A 225 -5.22 -7.72 -22.21
N ARG A 226 -3.92 -7.87 -21.95
CA ARG A 226 -3.34 -9.17 -21.54
C ARG A 226 -3.82 -9.77 -20.22
N GLN A 227 -3.80 -8.96 -19.17
CA GLN A 227 -4.00 -9.44 -17.80
C GLN A 227 -5.46 -9.48 -17.44
N HIS A 228 -5.80 -10.36 -16.50
CA HIS A 228 -7.13 -10.36 -15.89
C HIS A 228 -7.36 -8.98 -15.25
N PRO A 229 -8.44 -8.27 -15.64
CA PRO A 229 -8.59 -6.90 -15.13
C PRO A 229 -8.94 -6.84 -13.65
N VAL A 230 -8.48 -5.77 -12.99
CA VAL A 230 -8.82 -5.53 -11.60
C VAL A 230 -9.52 -4.19 -11.48
N ALA A 231 -10.80 -4.26 -11.12
CA ALA A 231 -11.67 -3.10 -11.12
C ALA A 231 -11.47 -2.24 -9.87
N ILE A 232 -11.43 -0.92 -10.10
CA ILE A 232 -11.46 0.01 -9.01
C ILE A 232 -12.93 0.20 -8.63
N LEU A 233 -13.32 -0.42 -7.51
CA LEU A 233 -14.71 -0.46 -7.04
C LEU A 233 -15.08 0.57 -5.99
N GLY A 234 -14.12 0.94 -5.13
CA GLY A 234 -14.39 1.92 -4.08
C GLY A 234 -13.14 2.66 -3.68
N VAL A 235 -13.23 3.98 -3.57
CA VAL A 235 -12.14 4.77 -3.03
C VAL A 235 -12.68 5.81 -2.07
N GLY A 236 -11.95 5.99 -0.98
CA GLY A 236 -12.25 7.02 0.00
C GLY A 236 -10.94 7.63 0.46
N GLU A 237 -10.96 8.92 0.74
CA GLU A 237 -9.78 9.64 1.21
C GLU A 237 -10.24 10.71 2.21
N SER A 238 -9.43 10.98 3.21
CA SER A 238 -9.78 11.99 4.20
C SER A 238 -8.56 12.48 4.96
N HIS A 239 -8.60 13.73 5.42
CA HIS A 239 -7.60 14.23 6.36
C HIS A 239 -8.19 15.25 7.34
N ASP A 240 -7.58 15.38 8.51
CA ASP A 240 -7.97 16.38 9.49
C ASP A 240 -7.52 17.77 9.03
N HIS A 241 -8.15 18.80 9.59
CA HIS A 241 -7.80 20.17 9.24
C HIS A 241 -6.34 20.44 9.60
N SER A 242 -5.67 21.22 8.76
CA SER A 242 -4.25 21.53 8.95
C SER A 242 -3.93 22.11 10.35
N ILE A 243 -4.92 22.71 10.99
CA ILE A 243 -4.80 23.15 12.38
C ILE A 243 -5.62 22.25 13.31
N ILE A 244 -4.95 21.58 14.23
CA ILE A 244 -5.59 20.64 15.16
C ILE A 244 -4.93 20.75 16.54
N SER A 245 -5.74 20.74 17.59
CA SER A 245 -5.25 21.09 18.93
C SER A 245 -4.52 19.95 19.61
N GLN A 246 -4.77 18.74 19.16
CA GLN A 246 -4.25 17.56 19.83
C GLN A 246 -3.94 16.52 18.78
N MSE A 247 -2.78 15.89 18.89
CA MSE A 247 -2.46 14.82 17.97
C MSE A 247 -3.36 13.66 18.29
O MSE A 247 -3.51 13.30 19.45
CB MSE A 247 -1.01 14.37 18.16
CG MSE A 247 -0.05 15.45 17.69
SE MSE A 247 1.78 14.73 17.83
CE MSE A 247 1.94 14.60 19.79
N PRO A 248 -4.01 13.08 17.26
CA PRO A 248 -4.82 11.88 17.50
C PRO A 248 -3.99 10.78 18.18
N SER A 249 -4.65 9.87 18.89
CA SER A 249 -3.92 8.83 19.64
C SER A 249 -4.59 7.48 19.55
N LEU A 250 -5.85 7.40 20.00
CA LEU A 250 -6.54 6.13 20.14
C LEU A 250 -7.27 5.69 18.89
N THR A 251 -7.41 6.61 17.94
CA THR A 251 -8.12 6.31 16.71
C THR A 251 -7.85 7.40 15.68
N SER A 252 -7.75 6.98 14.42
CA SER A 252 -7.65 7.91 13.32
C SER A 252 -9.05 8.10 12.74
N PHE A 253 -9.66 9.22 13.06
CA PHE A 253 -10.97 9.58 12.50
C PHE A 253 -10.90 9.62 10.98
N ALA A 254 -9.76 10.09 10.47
CA ALA A 254 -9.53 10.13 9.04
C ALA A 254 -9.67 8.75 8.39
N ALA A 255 -9.14 7.73 9.07
CA ALA A 255 -9.21 6.36 8.59
C ALA A 255 -10.62 5.79 8.63
N ARG A 256 -11.36 6.14 9.68
CA ARG A 256 -12.77 5.75 9.75
C ARG A 256 -13.53 6.35 8.59
N ARG A 257 -13.31 7.63 8.32
CA ARG A 257 -14.03 8.29 7.25
C ARG A 257 -13.66 7.65 5.92
N SER A 258 -12.37 7.47 5.64
CA SER A 258 -11.96 6.95 4.33
C SER A 258 -12.43 5.51 4.13
N GLY A 259 -12.34 4.72 5.20
CA GLY A 259 -12.85 3.35 5.20
C GLY A 259 -14.34 3.30 4.85
N GLN A 260 -15.13 4.10 5.54
CA GLN A 260 -16.56 4.07 5.31
C GLN A 260 -16.90 4.46 3.90
N ALA A 261 -16.25 5.49 3.37
CA ALA A 261 -16.57 5.95 2.02
C ALA A 261 -16.23 4.87 0.98
N ALA A 262 -15.14 4.16 1.19
CA ALA A 262 -14.75 3.13 0.24
C ALA A 262 -15.75 1.97 0.28
N PHE A 263 -16.10 1.50 1.48
CA PHE A 263 -17.12 0.45 1.60
C PHE A 263 -18.44 0.83 0.98
N LYS A 264 -18.84 2.08 1.17
CA LYS A 264 -20.10 2.58 0.66
C LYS A 264 -20.07 2.68 -0.87
N MSE A 265 -18.98 3.23 -1.43
CA MSE A 265 -18.87 3.37 -2.88
C MSE A 265 -18.94 2.02 -3.56
O MSE A 265 -19.54 1.87 -4.63
CB MSE A 265 -17.55 4.07 -3.26
CG MSE A 265 -17.38 4.32 -4.75
SE MSE A 265 -16.09 5.53 -5.15
CE MSE A 265 -15.62 4.97 -6.76
N ALA A 266 -18.34 1.01 -2.93
CA ALA A 266 -18.24 -0.30 -3.54
C ALA A 266 -19.48 -1.16 -3.30
N GLY A 267 -20.22 -0.86 -2.24
CA GLY A 267 -21.43 -1.62 -1.91
C GLY A 267 -21.12 -3.08 -1.54
N VAL A 268 -20.04 -3.30 -0.80
CA VAL A 268 -19.70 -4.63 -0.31
C VAL A 268 -19.48 -4.57 1.20
N THR A 269 -19.44 -5.74 1.83
CA THR A 269 -19.34 -5.84 3.28
C THR A 269 -17.93 -6.23 3.70
N HIS A 270 -17.64 -6.07 4.99
CA HIS A 270 -16.35 -6.48 5.57
C HIS A 270 -16.11 -7.96 5.35
N ASP A 271 -17.17 -8.76 5.50
CA ASP A 271 -17.04 -10.21 5.35
C ASP A 271 -16.69 -10.64 3.91
N ASP A 272 -17.08 -9.83 2.92
CA ASP A 272 -16.74 -10.11 1.53
C ASP A 272 -15.26 -9.89 1.20
N ILE A 273 -14.54 -9.18 2.08
CA ILE A 273 -13.11 -8.89 1.86
C ILE A 273 -12.28 -10.15 2.09
N ASP A 274 -11.46 -10.50 1.10
CA ASP A 274 -10.65 -11.71 1.11
C ASP A 274 -9.18 -11.42 1.47
N LEU A 275 -8.75 -10.18 1.27
CA LEU A 275 -7.35 -9.79 1.48
C LEU A 275 -7.31 -8.36 1.93
N ALA A 276 -6.44 -8.06 2.88
CA ALA A 276 -6.24 -6.70 3.36
C ALA A 276 -4.79 -6.35 3.17
N MSE A 277 -4.53 -5.25 2.46
CA MSE A 277 -3.20 -4.66 2.44
C MSE A 277 -3.30 -3.37 3.24
O MSE A 277 -4.11 -2.49 2.94
CB MSE A 277 -2.72 -4.37 1.02
CG MSE A 277 -2.70 -5.59 0.09
SE MSE A 277 -1.60 -6.95 0.52
CE MSE A 277 -0.03 -6.10 0.55
N ILE A 278 -2.47 -3.27 4.27
CA ILE A 278 -2.58 -2.18 5.23
C ILE A 278 -1.21 -1.59 5.53
N TYR A 279 -1.01 -0.35 5.10
CA TYR A 279 0.25 0.34 5.35
C TYR A 279 0.77 0.13 6.78
N ASP A 280 2.03 -0.29 6.87
CA ASP A 280 2.64 -0.72 8.13
C ASP A 280 3.94 0.01 8.40
N SER A 281 3.85 1.31 8.60
CA SER A 281 4.97 2.09 9.05
C SER A 281 5.43 1.51 10.36
N PHE A 282 4.45 1.13 11.19
CA PHE A 282 4.69 0.37 12.41
C PHE A 282 3.65 -0.71 12.58
N THR A 283 4.00 -1.65 13.43
CA THR A 283 3.12 -2.68 13.90
C THR A 283 1.84 -2.07 14.51
N TYR A 284 1.97 -0.94 15.20
CA TYR A 284 0.83 -0.29 15.80
C TYR A 284 -0.10 0.25 14.72
N THR A 285 0.48 0.81 13.67
CA THR A 285 -0.28 1.41 12.57
C THR A 285 -1.27 0.41 11.97
N VAL A 286 -0.80 -0.82 11.80
CA VAL A 286 -1.64 -1.88 11.28
C VAL A 286 -2.78 -2.18 12.24
N LEU A 287 -2.45 -2.39 13.52
CA LEU A 287 -3.43 -2.76 14.51
C LEU A 287 -4.53 -1.71 14.59
N LEU A 288 -4.13 -0.46 14.70
CA LEU A 288 -5.09 0.62 14.81
C LEU A 288 -5.96 0.73 13.55
N SER A 289 -5.36 0.55 12.37
CA SER A 289 -6.09 0.66 11.12
C SER A 289 -7.20 -0.41 11.02
N LEU A 290 -6.92 -1.59 11.53
CA LEU A 290 -7.89 -2.68 11.54
C LEU A 290 -9.12 -2.29 12.35
N GLU A 291 -8.84 -1.65 13.50
CA GLU A 291 -9.89 -1.12 14.36
C GLU A 291 -10.64 0.01 13.69
N ASP A 292 -9.90 0.98 13.17
CA ASP A 292 -10.51 2.12 12.48
C ASP A 292 -11.33 1.72 11.25
N LEU A 293 -10.95 0.65 10.58
CA LEU A 293 -11.69 0.17 9.42
C LEU A 293 -12.91 -0.65 9.80
N GLY A 294 -12.91 -1.17 11.03
CA GLY A 294 -14.09 -1.83 11.59
C GLY A 294 -14.09 -3.33 11.42
N PHE A 295 -12.92 -3.91 11.20
CA PHE A 295 -12.79 -5.35 11.17
C PHE A 295 -12.86 -5.95 12.56
N CYS A 296 -12.56 -5.12 13.56
CA CYS A 296 -12.74 -5.48 14.96
C CYS A 296 -13.18 -4.24 15.74
N ALA A 297 -13.51 -4.45 17.02
CA ALA A 297 -14.00 -3.35 17.85
C ALA A 297 -12.85 -2.45 18.30
N LYS A 298 -13.20 -1.23 18.64
CA LYS A 298 -12.27 -0.28 19.23
C LYS A 298 -11.57 -0.97 20.41
N GLY A 299 -10.25 -0.93 20.42
CA GLY A 299 -9.46 -1.53 21.50
C GLY A 299 -9.20 -3.02 21.45
N GLU A 300 -9.70 -3.72 20.44
CA GLU A 300 -9.57 -5.18 20.40
C GLU A 300 -8.77 -5.72 19.22
N GLY A 301 -8.06 -4.83 18.51
CA GLY A 301 -7.14 -5.22 17.44
C GLY A 301 -6.10 -6.25 17.84
N GLY A 302 -5.62 -6.17 19.08
CA GLY A 302 -4.63 -7.14 19.58
C GLY A 302 -5.14 -8.57 19.58
N ALA A 303 -6.34 -8.75 20.13
CA ALA A 303 -6.98 -10.07 20.12
C ALA A 303 -7.22 -10.50 18.68
N PHE A 304 -7.62 -9.54 17.85
CA PHE A 304 -7.93 -9.82 16.45
C PHE A 304 -6.78 -10.43 15.68
N VAL A 305 -5.57 -9.91 15.91
CA VAL A 305 -4.40 -10.38 15.16
C VAL A 305 -3.75 -11.62 15.77
N SER A 306 -4.17 -12.01 16.97
CA SER A 306 -3.57 -13.16 17.69
C SER A 306 -3.86 -14.52 17.02
N GLY A 307 -3.07 -15.52 17.40
CA GLY A 307 -3.21 -16.86 16.84
C GLY A 307 -2.80 -16.90 15.38
N GLN A 308 -1.93 -15.98 14.99
CA GLN A 308 -1.48 -15.83 13.62
C GLN A 308 -2.63 -15.87 12.62
N ARG A 309 -3.70 -15.15 12.93
CA ARG A 309 -4.88 -15.06 12.06
C ARG A 309 -4.57 -14.51 10.65
N THR A 310 -3.54 -13.67 10.54
CA THR A 310 -3.18 -13.00 9.28
C THR A 310 -2.02 -13.64 8.53
N ALA A 311 -1.46 -14.72 9.07
CA ALA A 311 -0.35 -15.42 8.43
C ALA A 311 -0.87 -16.27 7.27
N PRO A 312 0.05 -16.85 6.46
CA PRO A 312 -0.42 -17.73 5.38
C PRO A 312 -1.35 -18.85 5.87
N GLY A 313 -2.49 -18.99 5.22
CA GLY A 313 -3.48 -20.01 5.61
C GLY A 313 -4.45 -19.60 6.70
N GLY A 314 -4.18 -18.48 7.37
CA GLY A 314 -5.08 -17.96 8.38
C GLY A 314 -6.37 -17.40 7.79
N ASP A 315 -7.29 -17.07 8.69
CA ASP A 315 -8.61 -16.55 8.34
C ASP A 315 -8.61 -15.16 7.69
N PHE A 316 -7.58 -14.36 7.96
CA PHE A 316 -7.54 -12.97 7.51
C PHE A 316 -6.19 -12.61 6.92
N PRO A 317 -5.95 -13.00 5.66
CA PRO A 317 -4.66 -12.76 5.02
C PRO A 317 -4.38 -11.26 4.88
N MSE A 318 -3.20 -10.84 5.34
CA MSE A 318 -2.85 -9.42 5.37
C MSE A 318 -1.39 -9.20 4.99
O MSE A 318 -0.51 -9.92 5.46
CB MSE A 318 -3.08 -8.86 6.79
CG MSE A 318 -2.93 -7.35 6.94
SE MSE A 318 -3.32 -6.78 8.61
CE MSE A 318 -2.05 -7.67 9.52
N ASN A 319 -1.16 -8.21 4.13
CA ASN A 319 0.18 -7.81 3.72
C ASN A 319 1.01 -8.95 3.19
N THR A 320 0.47 -9.56 2.13
CA THR A 320 0.91 -10.86 1.66
C THR A 320 2.23 -10.80 0.92
N ASN A 321 2.66 -9.61 0.53
CA ASN A 321 4.01 -9.44 -0.02
C ASN A 321 5.13 -9.30 1.04
N GLY A 322 4.75 -9.17 2.32
CA GLY A 322 5.71 -8.88 3.39
C GLY A 322 5.65 -7.44 3.88
N GLY A 323 4.83 -6.62 3.22
CA GLY A 323 4.58 -5.25 3.66
C GLY A 323 5.81 -4.37 3.74
N GLY A 324 5.65 -3.20 4.36
CA GLY A 324 6.78 -2.32 4.66
C GLY A 324 7.72 -2.85 5.73
N LEU A 325 7.24 -3.77 6.56
CA LEU A 325 8.03 -4.32 7.66
C LEU A 325 9.12 -5.24 7.19
N SER A 326 8.81 -6.10 6.21
CA SER A 326 9.79 -7.09 5.71
C SER A 326 10.05 -7.12 4.21
N TYR A 327 9.28 -6.41 3.38
CA TYR A 327 9.47 -6.52 1.93
C TYR A 327 10.17 -5.32 1.33
N THR A 328 9.53 -4.16 1.35
CA THR A 328 10.17 -2.95 0.85
C THR A 328 9.41 -1.74 1.38
N HIS A 329 10.09 -0.61 1.51
CA HIS A 329 9.45 0.62 2.00
C HIS A 329 10.36 1.80 1.72
N PRO A 330 10.19 2.41 0.54
CA PRO A 330 10.99 3.57 0.21
C PRO A 330 10.42 4.85 0.77
N GLY A 331 9.23 4.79 1.35
CA GLY A 331 8.56 5.97 1.88
C GLY A 331 7.08 5.68 2.00
N MSE A 332 6.29 6.73 2.26
CA MSE A 332 4.84 6.61 2.44
C MSE A 332 4.15 6.58 1.09
O MSE A 332 3.65 7.60 0.62
CB MSE A 332 4.30 7.79 3.26
CG MSE A 332 4.80 7.72 4.70
SE MSE A 332 4.34 9.31 5.80
CE MSE A 332 2.40 9.08 5.65
N TYR A 333 4.10 5.39 0.49
CA TYR A 333 3.59 5.18 -0.87
C TYR A 333 2.67 3.96 -0.92
N GLY A 334 1.51 4.09 -1.54
CA GLY A 334 0.53 2.99 -1.56
C GLY A 334 0.71 2.01 -2.70
N MSE A 335 1.65 2.27 -3.61
CA MSE A 335 1.70 1.49 -4.86
C MSE A 335 2.14 0.07 -4.63
O MSE A 335 1.70 -0.84 -5.33
CB MSE A 335 2.63 2.13 -5.87
CG MSE A 335 2.59 1.47 -7.24
SE MSE A 335 0.96 1.38 -8.00
CE MSE A 335 0.70 3.11 -8.34
N PHE A 336 3.00 -0.16 -3.65
CA PHE A 336 3.49 -1.50 -3.40
C PHE A 336 2.36 -2.37 -2.86
N ALA A 337 1.49 -1.81 -2.03
CA ALA A 337 0.31 -2.54 -1.56
C ALA A 337 -0.68 -2.82 -2.71
N ILE A 338 -0.86 -1.83 -3.59
CA ILE A 338 -1.71 -1.96 -4.77
C ILE A 338 -1.22 -3.08 -5.67
N ILE A 339 0.06 -3.05 -5.98
CA ILE A 339 0.70 -4.07 -6.81
C ILE A 339 0.43 -5.48 -6.29
N GLU A 340 0.67 -5.72 -5.01
CA GLU A 340 0.43 -7.05 -4.45
C GLU A 340 -1.07 -7.40 -4.45
N ALA A 341 -1.92 -6.43 -4.16
CA ALA A 341 -3.35 -6.67 -4.17
C ALA A 341 -3.79 -7.11 -5.56
N VAL A 342 -3.27 -6.46 -6.59
CA VAL A 342 -3.62 -6.81 -7.94
C VAL A 342 -3.19 -8.24 -8.23
N ARG A 343 -1.93 -8.55 -7.90
CA ARG A 343 -1.38 -9.87 -8.16
C ARG A 343 -2.19 -10.97 -7.50
N GLN A 344 -2.52 -10.79 -6.23
CA GLN A 344 -3.34 -11.77 -5.54
C GLN A 344 -4.70 -11.95 -6.23
N LEU A 345 -5.29 -10.84 -6.69
CA LEU A 345 -6.62 -10.86 -7.30
C LEU A 345 -6.64 -11.51 -8.68
N ARG A 346 -5.52 -11.40 -9.41
CA ARG A 346 -5.34 -12.08 -10.70
C ARG A 346 -4.88 -13.52 -10.52
N HIS A 347 -4.77 -13.98 -9.27
CA HIS A 347 -4.25 -15.30 -8.96
C HIS A 347 -2.85 -15.55 -9.54
N ASP A 348 -2.05 -14.49 -9.65
CA ASP A 348 -0.70 -14.59 -10.19
C ASP A 348 0.15 -15.65 -9.51
N TYR A 349 -0.19 -16.03 -8.28
CA TYR A 349 0.61 -16.98 -7.50
C TYR A 349 0.02 -18.40 -7.45
N ALA A 350 -0.85 -18.70 -8.40
CA ALA A 350 -1.48 -20.02 -8.52
C ALA A 350 -0.46 -21.16 -8.34
N ASP A 351 0.65 -21.09 -9.06
CA ASP A 351 1.71 -22.09 -8.95
C ASP A 351 2.24 -22.28 -7.53
N GLN A 352 2.43 -21.19 -6.81
CA GLN A 352 3.33 -21.18 -5.66
C GLN A 352 2.67 -21.47 -4.32
N GLY A 353 1.63 -22.31 -4.35
CA GLY A 353 1.07 -22.87 -3.12
C GLY A 353 0.40 -21.85 -2.22
N ILE A 354 0.76 -21.88 -0.94
CA ILE A 354 0.12 -21.03 0.07
C ILE A 354 0.29 -19.54 -0.17
N ARG A 355 1.29 -19.15 -0.96
CA ARG A 355 1.48 -17.75 -1.29
C ARG A 355 0.21 -17.14 -1.87
N GLN A 356 -0.49 -17.89 -2.71
CA GLN A 356 -1.74 -17.41 -3.28
C GLN A 356 -2.83 -17.41 -2.22
N VAL A 357 -3.56 -16.30 -2.17
CA VAL A 357 -4.67 -16.16 -1.24
C VAL A 357 -5.88 -16.90 -1.83
N PRO A 358 -6.50 -17.79 -1.02
CA PRO A 358 -7.64 -18.57 -1.49
C PRO A 358 -8.83 -17.71 -1.90
N ASN A 359 -9.30 -17.93 -3.14
CA ASN A 359 -10.55 -17.35 -3.64
C ASN A 359 -10.54 -15.84 -3.65
N CYS A 360 -9.45 -15.27 -4.16
CA CYS A 360 -9.24 -13.84 -4.10
C CYS A 360 -10.16 -13.13 -5.08
N GLU A 361 -11.30 -12.66 -4.54
CA GLU A 361 -12.26 -11.86 -5.30
C GLU A 361 -12.21 -10.37 -4.93
N LEU A 362 -12.08 -10.06 -3.64
CA LEU A 362 -12.12 -8.69 -3.16
C LEU A 362 -10.97 -8.38 -2.20
N ALA A 363 -10.36 -7.23 -2.41
CA ALA A 363 -9.26 -6.79 -1.56
C ALA A 363 -9.43 -5.35 -1.15
N ILE A 364 -8.94 -5.05 0.05
CA ILE A 364 -8.94 -3.70 0.58
C ILE A 364 -7.49 -3.25 0.73
N VAL A 365 -7.21 -2.04 0.27
CA VAL A 365 -5.89 -1.45 0.38
C VAL A 365 -6.04 -0.18 1.21
N HIS A 366 -5.29 -0.06 2.30
CA HIS A 366 -5.46 1.10 3.17
C HIS A 366 -4.15 1.64 3.70
N GLY A 367 -4.05 2.96 3.79
CA GLY A 367 -2.95 3.59 4.48
C GLY A 367 -3.40 4.73 5.36
N THR A 368 -2.89 4.75 6.59
CA THR A 368 -3.09 5.88 7.52
C THR A 368 -1.74 6.57 7.64
N GLY A 369 -1.70 7.86 7.35
CA GLY A 369 -0.45 8.60 7.30
C GLY A 369 -0.49 9.85 8.16
N GLY A 370 0.39 10.80 7.85
CA GLY A 370 0.53 12.02 8.64
C GLY A 370 0.88 11.62 10.06
N VAL A 371 0.12 12.14 11.01
CA VAL A 371 0.27 11.69 12.38
C VAL A 371 -1.10 11.15 12.79
N LEU A 372 -1.48 10.07 12.10
CA LEU A 372 -2.82 9.47 12.18
C LEU A 372 -3.91 10.44 11.71
N SER A 373 -3.49 11.41 10.90
CA SER A 373 -4.28 12.57 10.54
C SER A 373 -4.74 12.55 9.09
N SER A 374 -4.30 11.55 8.32
CA SER A 374 -4.76 11.38 6.95
C SER A 374 -4.89 9.90 6.63
N ALA A 375 -5.68 9.60 5.62
CA ALA A 375 -5.89 8.21 5.24
C ALA A 375 -6.55 8.11 3.89
N GLY A 376 -6.33 6.98 3.24
CA GLY A 376 -6.92 6.69 1.94
C GLY A 376 -7.22 5.21 1.94
N THR A 377 -8.34 4.82 1.34
CA THR A 377 -8.76 3.44 1.37
C THR A 377 -9.35 3.08 0.01
N ALA A 378 -8.94 1.93 -0.52
CA ALA A 378 -9.47 1.48 -1.80
C ALA A 378 -9.91 0.02 -1.75
N ILE A 379 -10.96 -0.26 -2.49
CA ILE A 379 -11.47 -1.60 -2.64
C ILE A 379 -11.37 -1.98 -4.11
N LEU A 380 -10.73 -3.11 -4.36
CA LEU A 380 -10.45 -3.61 -5.71
C LEU A 380 -11.00 -5.02 -5.87
N GLY A 381 -11.39 -5.37 -7.10
CA GLY A 381 -12.04 -6.65 -7.35
C GLY A 381 -11.61 -7.37 -8.61
N ARG A 382 -11.61 -8.70 -8.53
CA ARG A 382 -11.39 -9.57 -9.69
C ARG A 382 -12.66 -9.53 -10.54
N VAL A 383 -12.61 -8.87 -11.67
CA VAL A 383 -13.83 -8.48 -12.41
C VAL A 383 -14.90 -9.58 -12.50
#